data_4AZ1
#
_entry.id   4AZ1
#
_cell.length_a   154.285
_cell.length_b   154.285
_cell.length_c   195.746
_cell.angle_alpha   90.00
_cell.angle_beta   90.00
_cell.angle_gamma   120.00
#
_symmetry.space_group_name_H-M   'H 3 2'
#
loop_
_entity.id
_entity.type
_entity.pdbx_description
1 polymer 'TYROSINE SPECIFIC PROTEIN PHOSPHATASE'
2 non-polymer 1,2-ETHANEDIOL
3 non-polymer 'FORMIC ACID'
4 water water
#
_entity_poly.entity_id   1
_entity_poly.type   'polypeptide(L)'
_entity_poly.pdbx_seq_one_letter_code
;MNDSNCFPFTKLSVQAQYERVQREFSLLLRQEDPRSISFATSLKNRHKNRYLDILANEATLYPQVTDAPGASTPYYINGN
LIDLDLPHKFVACQAPVVQGIPDFLAMLYEKKISLVIMVTKLEEGGFVKADRYWPEERGSGSIAVSGNCGLTISEDPGKA
YEVEDELKITRRYLILQRADEPPHKFTQVQYTGWPDHGIPQSATSLEALLTNVKNSPTTVPVVVHCSAGIGRTGTLIGAY
AALTHLERGTLTDTTVYDVVSAMRRQRFGMVQRMEQYFVIYLTLMCRLGVDIKALVGLLNSR
;
_entity_poly.pdbx_strand_id   A,B
#
loop_
_chem_comp.id
_chem_comp.type
_chem_comp.name
_chem_comp.formula
EDO non-polymer 1,2-ETHANEDIOL 'C2 H6 O2'
FMT non-polymer 'FORMIC ACID' 'C H2 O2'
#
# COMPACT_ATOMS: atom_id res chain seq x y z
N ASP A 3 7.97 23.63 -43.46
CA ASP A 3 8.92 22.79 -44.18
C ASP A 3 9.67 21.94 -43.17
N SER A 4 10.93 21.64 -43.48
CA SER A 4 11.85 20.95 -42.55
C SER A 4 11.36 19.60 -42.03
N ASN A 5 10.07 19.50 -41.71
CA ASN A 5 9.50 18.21 -41.40
C ASN A 5 9.31 17.40 -42.68
N CYS A 6 9.67 16.12 -42.61
CA CYS A 6 9.42 15.20 -43.71
C CYS A 6 8.56 14.07 -43.15
N PHE A 7 7.31 13.99 -43.60
CA PHE A 7 6.43 12.94 -43.13
C PHE A 7 5.63 12.28 -44.27
N PRO A 8 6.31 11.51 -45.12
CA PRO A 8 5.68 10.95 -46.32
C PRO A 8 4.57 9.91 -46.04
N PHE A 9 4.37 9.51 -44.79
CA PHE A 9 3.29 8.60 -44.40
C PHE A 9 1.92 9.07 -44.90
N THR A 10 1.74 10.40 -44.97
CA THR A 10 0.46 10.96 -45.40
C THR A 10 0.27 10.89 -46.90
N LYS A 11 1.31 10.48 -47.62
CA LYS A 11 1.20 10.34 -49.07
C LYS A 11 0.71 8.95 -49.49
N LEU A 12 0.79 7.99 -48.58
CA LEU A 12 0.42 6.61 -48.87
C LEU A 12 -1.10 6.45 -48.86
N SER A 13 -1.60 5.48 -49.64
CA SER A 13 -3.01 5.14 -49.60
C SER A 13 -3.37 4.60 -48.21
N VAL A 14 -4.66 4.58 -47.88
CA VAL A 14 -5.11 4.03 -46.60
C VAL A 14 -4.60 2.60 -46.38
N GLN A 15 -4.71 1.76 -47.40
CA GLN A 15 -4.24 0.39 -47.30
C GLN A 15 -2.73 0.31 -47.04
N ALA A 16 -1.95 1.09 -47.79
CA ALA A 16 -0.50 1.11 -47.61
C ALA A 16 -0.12 1.63 -46.23
N GLN A 17 -0.85 2.63 -45.74
CA GLN A 17 -0.62 3.13 -44.38
C GLN A 17 -0.85 2.03 -43.36
N TYR A 18 -1.97 1.32 -43.47
CA TYR A 18 -2.29 0.26 -42.54
C TYR A 18 -1.23 -0.86 -42.57
N GLU A 19 -0.80 -1.22 -43.78
CA GLU A 19 0.18 -2.26 -43.98
C GLU A 19 1.59 -1.89 -43.49
N ARG A 20 1.96 -0.63 -43.67
CA ARG A 20 3.24 -0.14 -43.19
C ARG A 20 3.28 -0.17 -41.65
N VAL A 21 2.19 0.27 -41.00
CA VAL A 21 2.14 0.22 -39.53
C VAL A 21 2.28 -1.22 -39.05
N GLN A 22 1.48 -2.13 -39.60
CA GLN A 22 1.58 -3.53 -39.19
C GLN A 22 3.01 -4.07 -39.40
N ARG A 23 3.59 -3.77 -40.56
CA ARG A 23 4.95 -4.22 -40.88
C ARG A 23 5.99 -3.71 -39.88
N GLU A 24 5.91 -2.42 -39.54
CA GLU A 24 6.84 -1.83 -38.58
C GLU A 24 6.67 -2.41 -37.19
N PHE A 25 5.42 -2.58 -36.76
CA PHE A 25 5.19 -3.13 -35.44
C PHE A 25 5.73 -4.57 -35.33
N SER A 26 5.53 -5.38 -36.37
CA SER A 26 6.06 -6.73 -36.38
C SER A 26 7.58 -6.73 -36.32
N LEU A 27 8.20 -5.81 -37.04
CA LEU A 27 9.65 -5.67 -37.01
C LEU A 27 10.14 -5.30 -35.60
N LEU A 28 9.38 -4.46 -34.89
CA LEU A 28 9.73 -4.15 -33.51
C LEU A 28 9.68 -5.38 -32.61
N LEU A 29 8.62 -6.17 -32.72
CA LEU A 29 8.51 -7.40 -31.93
C LEU A 29 9.65 -8.34 -32.30
N ARG A 30 9.94 -8.39 -33.60
CA ARG A 30 11.02 -9.21 -34.15
C ARG A 30 12.37 -8.94 -33.45
N GLN A 31 12.53 -7.73 -32.90
CA GLN A 31 13.80 -7.34 -32.27
C GLN A 31 13.87 -7.71 -30.80
N GLU A 32 12.76 -8.22 -30.25
CA GLU A 32 12.73 -8.56 -28.83
C GLU A 32 13.72 -9.67 -28.44
N ASP A 33 14.53 -9.39 -27.43
CA ASP A 33 15.48 -10.38 -26.91
C ASP A 33 15.83 -10.10 -25.44
N PRO A 34 14.93 -10.50 -24.53
CA PRO A 34 14.98 -10.19 -23.11
C PRO A 34 15.91 -11.13 -22.35
N ARG A 35 16.40 -12.17 -23.01
CA ARG A 35 17.27 -13.14 -22.36
C ARG A 35 18.60 -12.49 -21.97
N SER A 36 19.00 -11.52 -22.79
CA SER A 36 20.27 -10.81 -22.64
C SER A 36 20.19 -9.62 -21.68
N ILE A 37 18.99 -9.28 -21.23
CA ILE A 37 18.76 -8.10 -20.40
C ILE A 37 18.61 -8.45 -18.91
N SER A 38 19.25 -7.67 -18.05
CA SER A 38 19.10 -7.84 -16.60
C SER A 38 17.77 -7.25 -16.08
N PHE A 39 17.05 -8.06 -15.30
CA PHE A 39 15.86 -7.62 -14.59
C PHE A 39 15.97 -7.96 -13.12
N ALA A 40 17.20 -7.95 -12.61
CA ALA A 40 17.52 -8.43 -11.26
C ALA A 40 16.59 -7.94 -10.17
N THR A 41 16.52 -6.63 -9.99
CA THR A 41 15.73 -6.06 -8.91
C THR A 41 14.24 -6.32 -9.09
N SER A 42 13.78 -6.19 -10.32
CA SER A 42 12.39 -6.39 -10.63
C SER A 42 11.99 -7.84 -10.35
N LEU A 43 12.91 -8.75 -10.64
CA LEU A 43 12.65 -10.18 -10.46
C LEU A 43 12.56 -10.65 -9.00
N LYS A 44 13.35 -10.06 -8.11
CA LYS A 44 13.25 -10.43 -6.71
C LYS A 44 12.08 -9.73 -6.02
N ASN A 45 11.40 -8.83 -6.73
CA ASN A 45 10.22 -8.17 -6.15
C ASN A 45 8.92 -8.59 -6.81
N ARG A 46 8.76 -9.86 -7.10
CA ARG A 46 7.55 -10.33 -7.79
C ARG A 46 6.27 -10.16 -6.97
N HIS A 47 6.43 -10.09 -5.65
CA HIS A 47 5.30 -9.83 -4.76
C HIS A 47 4.64 -8.51 -5.10
N LYS A 48 5.40 -7.59 -5.69
CA LYS A 48 4.89 -6.27 -6.00
C LYS A 48 4.72 -6.04 -7.49
N ASN A 49 4.95 -7.09 -8.26
CA ASN A 49 4.69 -7.01 -9.69
C ASN A 49 3.24 -7.39 -9.97
N ARG A 50 2.53 -6.52 -10.70
CA ARG A 50 1.16 -6.83 -11.10
C ARG A 50 1.13 -8.01 -12.08
N TYR A 51 2.09 -8.06 -12.99
CA TYR A 51 2.17 -9.15 -13.95
C TYR A 51 3.55 -9.82 -13.85
N LEU A 52 3.56 -11.12 -13.66
CA LEU A 52 4.79 -11.87 -13.46
C LEU A 52 5.87 -11.67 -14.54
N ASP A 53 5.48 -11.58 -15.80
CA ASP A 53 6.45 -11.45 -16.90
C ASP A 53 6.56 -10.04 -17.49
N ILE A 54 6.05 -9.04 -16.79
CA ILE A 54 6.29 -7.67 -17.21
C ILE A 54 7.23 -7.07 -16.19
N LEU A 55 8.50 -7.01 -16.53
CA LEU A 55 9.55 -6.63 -15.59
C LEU A 55 10.24 -5.35 -16.03
N ALA A 56 10.75 -4.60 -15.07
CA ALA A 56 11.47 -3.34 -15.35
C ALA A 56 12.97 -3.58 -15.56
N ASN A 57 13.54 -3.06 -16.64
CA ASN A 57 14.99 -3.17 -16.87
C ASN A 57 15.81 -2.61 -15.73
N GLU A 58 16.86 -3.34 -15.33
CA GLU A 58 17.72 -2.92 -14.24
C GLU A 58 18.42 -1.60 -14.53
N ALA A 59 18.95 -1.47 -15.74
CA ALA A 59 19.79 -0.33 -16.11
C ALA A 59 19.08 1.02 -15.97
N THR A 60 17.77 1.04 -16.16
CA THR A 60 17.01 2.27 -16.11
C THR A 60 15.91 2.22 -15.04
N LEU A 61 16.05 1.29 -14.12
CA LEU A 61 15.06 1.12 -13.05
C LEU A 61 14.91 2.40 -12.24
N TYR A 62 13.67 2.86 -12.06
CA TYR A 62 13.43 4.10 -11.33
C TYR A 62 12.78 3.78 -9.98
N PRO A 63 13.20 4.48 -8.92
CA PRO A 63 14.15 5.60 -8.90
C PRO A 63 15.62 5.23 -8.69
N GLN A 64 15.97 3.95 -8.79
CA GLN A 64 17.31 3.49 -8.40
C GLN A 64 18.47 4.10 -9.21
N VAL A 65 18.18 4.58 -10.41
CA VAL A 65 19.22 5.12 -11.28
C VAL A 65 19.51 6.61 -11.02
N THR A 66 18.69 7.23 -10.18
CA THR A 66 18.92 8.61 -9.73
C THR A 66 19.76 8.64 -8.45
N ASP A 67 19.89 7.49 -7.80
CA ASP A 67 20.67 7.37 -6.57
C ASP A 67 22.14 7.69 -6.79
N SER A 72 20.85 3.63 -0.90
CA SER A 72 19.75 2.67 -0.77
C SER A 72 18.39 3.32 -1.04
N THR A 73 17.72 2.88 -2.11
CA THR A 73 16.30 3.20 -2.27
C THR A 73 15.46 2.07 -1.67
N PRO A 74 14.74 2.37 -0.58
CA PRO A 74 13.98 1.40 0.20
C PRO A 74 12.58 1.09 -0.35
N TYR A 75 12.33 1.50 -1.59
N TYR A 75 12.31 1.46 -1.58
CA TYR A 75 11.04 1.32 -2.26
CA TYR A 75 11.03 1.07 -2.16
C TYR A 75 11.24 0.55 -3.57
C TYR A 75 11.18 0.65 -3.60
N TYR A 76 10.17 -0.07 -4.07
CA TYR A 76 10.19 -0.63 -5.41
C TYR A 76 8.93 -0.23 -6.15
N ILE A 77 9.12 0.38 -7.31
CA ILE A 77 8.08 0.46 -8.28
C ILE A 77 8.57 -0.28 -9.52
N ASN A 78 7.69 -1.03 -10.16
CA ASN A 78 8.03 -1.66 -11.44
C ASN A 78 8.00 -0.55 -12.48
N GLY A 79 9.12 0.17 -12.62
CA GLY A 79 9.13 1.34 -13.49
C GLY A 79 10.51 1.71 -14.00
N ASN A 80 10.55 2.45 -15.10
CA ASN A 80 11.82 2.87 -15.70
C ASN A 80 11.81 4.32 -16.09
N LEU A 81 12.99 4.94 -16.02
CA LEU A 81 13.18 6.32 -16.46
C LEU A 81 13.24 6.37 -17.97
N ILE A 82 12.32 7.07 -18.61
CA ILE A 82 12.42 7.20 -20.06
C ILE A 82 13.00 8.55 -20.46
N ASP A 83 14.13 8.52 -21.15
CA ASP A 83 14.80 9.75 -21.56
C ASP A 83 15.00 9.71 -23.08
N LEU A 84 14.40 10.65 -23.80
CA LEU A 84 14.54 10.71 -25.25
C LEU A 84 15.20 12.02 -25.73
N ASP A 85 15.98 12.67 -24.86
CA ASP A 85 16.65 13.92 -25.21
C ASP A 85 15.61 15.00 -25.51
N LEU A 86 14.56 15.05 -24.70
CA LEU A 86 13.49 16.01 -24.88
C LEU A 86 13.36 16.81 -23.58
N PRO A 87 12.53 17.86 -23.59
CA PRO A 87 12.44 18.69 -22.36
C PRO A 87 11.95 17.90 -21.16
N HIS A 88 11.09 16.92 -21.40
CA HIS A 88 10.59 16.11 -20.29
C HIS A 88 11.13 14.67 -20.34
N LYS A 89 11.45 14.16 -19.16
CA LYS A 89 11.71 12.73 -18.96
C LYS A 89 10.45 12.17 -18.36
N PHE A 90 10.33 10.85 -18.41
CA PHE A 90 9.12 10.19 -17.93
C PHE A 90 9.49 9.02 -17.05
N VAL A 91 8.60 8.68 -16.13
CA VAL A 91 8.68 7.41 -15.44
C VAL A 91 7.53 6.55 -15.94
N ALA A 92 7.86 5.54 -16.74
CA ALA A 92 6.84 4.61 -17.22
C ALA A 92 6.78 3.47 -16.21
N CYS A 93 5.60 3.22 -15.63
CA CYS A 93 5.53 2.17 -14.62
C CYS A 93 4.18 1.52 -14.62
N GLN A 94 4.07 0.41 -13.90
CA GLN A 94 2.79 -0.31 -13.81
C GLN A 94 1.89 0.45 -12.85
N ALA A 95 0.60 0.10 -12.84
CA ALA A 95 -0.29 0.54 -11.76
C ALA A 95 0.14 -0.28 -10.54
N PRO A 96 0.56 0.40 -9.46
CA PRO A 96 1.02 -0.35 -8.27
C PRO A 96 -0.07 -1.24 -7.69
N VAL A 97 0.30 -2.42 -7.21
CA VAL A 97 -0.65 -3.29 -6.53
C VAL A 97 -0.82 -2.76 -5.12
N VAL A 98 -1.86 -3.22 -4.41
CA VAL A 98 -2.17 -2.70 -3.09
C VAL A 98 -0.94 -2.66 -2.17
N GLN A 99 -0.23 -3.77 -2.10
CA GLN A 99 0.94 -3.83 -1.21
CA GLN A 99 0.96 -3.89 -1.25
C GLN A 99 2.12 -3.02 -1.74
N GLY A 100 2.01 -2.51 -2.96
CA GLY A 100 3.07 -1.70 -3.55
C GLY A 100 2.72 -0.22 -3.59
N ILE A 101 1.49 0.09 -3.21
CA ILE A 101 1.06 1.50 -3.18
C ILE A 101 1.89 2.38 -2.22
N PRO A 102 2.26 1.86 -1.02
CA PRO A 102 3.06 2.74 -0.17
C PRO A 102 4.39 3.11 -0.83
N ASP A 103 5.01 2.14 -1.51
CA ASP A 103 6.23 2.40 -2.29
C ASP A 103 5.99 3.47 -3.34
N PHE A 104 4.85 3.37 -4.01
CA PHE A 104 4.56 4.27 -5.12
C PHE A 104 4.42 5.70 -4.57
N LEU A 105 3.64 5.85 -3.50
CA LEU A 105 3.41 7.16 -2.90
C LEU A 105 4.69 7.74 -2.33
N ALA A 106 5.50 6.87 -1.73
CA ALA A 106 6.77 7.30 -1.15
C ALA A 106 7.69 7.84 -2.24
N MET A 107 7.67 7.17 -3.38
CA MET A 107 8.44 7.61 -4.55
C MET A 107 7.97 8.99 -4.98
N LEU A 108 6.65 9.16 -5.14
CA LEU A 108 6.11 10.45 -5.55
C LEU A 108 6.57 11.53 -4.59
N TYR A 109 6.59 11.18 -3.31
CA TYR A 109 6.91 12.13 -2.27
C TYR A 109 8.38 12.48 -2.22
N GLU A 110 9.24 11.46 -2.16
CA GLU A 110 10.68 11.69 -2.07
C GLU A 110 11.24 12.35 -3.35
N LYS A 111 10.71 11.96 -4.50
CA LYS A 111 11.19 12.50 -5.78
C LYS A 111 10.50 13.81 -6.16
N LYS A 112 9.51 14.23 -5.36
CA LYS A 112 8.80 15.49 -5.60
C LYS A 112 8.15 15.50 -6.98
N ILE A 113 7.54 14.37 -7.35
CA ILE A 113 6.89 14.26 -8.63
C ILE A 113 5.72 15.25 -8.71
N SER A 114 5.62 15.99 -9.81
CA SER A 114 4.60 17.03 -9.92
C SER A 114 3.36 16.57 -10.72
N LEU A 115 3.54 15.57 -11.58
CA LEU A 115 2.45 15.15 -12.46
C LEU A 115 2.43 13.65 -12.69
N VAL A 116 1.28 13.06 -12.40
CA VAL A 116 1.04 11.65 -12.61
C VAL A 116 -0.08 11.51 -13.62
N ILE A 117 0.18 10.76 -14.68
CA ILE A 117 -0.87 10.53 -15.67
C ILE A 117 -1.22 9.06 -15.67
N MET A 118 -2.51 8.78 -15.50
CA MET A 118 -3.02 7.42 -15.45
C MET A 118 -3.91 7.22 -16.67
N VAL A 119 -3.54 6.27 -17.53
CA VAL A 119 -4.26 6.07 -18.78
C VAL A 119 -5.02 4.73 -18.80
N THR A 120 -5.85 4.53 -17.80
CA THR A 120 -6.69 3.34 -17.73
C THR A 120 -7.79 3.60 -16.73
N LYS A 121 -8.89 2.85 -16.82
CA LYS A 121 -9.80 2.71 -15.68
C LYS A 121 -9.24 1.68 -14.71
N LEU A 122 -9.77 1.69 -13.49
CA LEU A 122 -9.44 0.72 -12.47
C LEU A 122 -9.79 -0.69 -12.96
N GLU A 123 -10.93 -0.80 -13.64
CA GLU A 123 -11.46 -2.06 -14.15
C GLU A 123 -11.98 -1.84 -15.55
N GLU A 124 -11.74 -2.81 -16.44
CA GLU A 124 -12.21 -2.72 -17.83
C GLU A 124 -12.61 -4.11 -18.28
N GLY A 125 -13.80 -4.21 -18.85
CA GLY A 125 -14.25 -5.46 -19.45
C GLY A 125 -14.45 -6.60 -18.49
N GLY A 126 -14.44 -6.29 -17.20
CA GLY A 126 -14.64 -7.33 -16.19
C GLY A 126 -13.34 -7.75 -15.55
N PHE A 127 -12.27 -7.03 -15.87
CA PHE A 127 -10.95 -7.36 -15.32
C PHE A 127 -10.32 -6.16 -14.63
N VAL A 128 -9.52 -6.44 -13.59
CA VAL A 128 -8.83 -5.38 -12.85
C VAL A 128 -7.62 -4.87 -13.63
N LYS A 129 -7.52 -3.56 -13.79
CA LYS A 129 -6.35 -2.95 -14.41
C LYS A 129 -5.49 -2.21 -13.40
N ALA A 130 -6.12 -1.62 -12.38
CA ALA A 130 -5.39 -0.80 -11.41
C ALA A 130 -6.07 -0.77 -10.06
N ASP A 131 -5.34 -0.27 -9.06
CA ASP A 131 -5.87 -0.15 -7.71
C ASP A 131 -5.83 1.31 -7.27
N ARG A 132 -6.92 1.77 -6.67
CA ARG A 132 -7.03 3.17 -6.25
C ARG A 132 -5.96 3.59 -5.24
N TYR A 133 -5.33 4.73 -5.50
CA TYR A 133 -4.37 5.28 -4.55
C TYR A 133 -4.70 6.73 -4.16
N TRP A 134 -5.90 7.19 -4.53
CA TRP A 134 -6.33 8.55 -4.23
C TRP A 134 -7.58 8.50 -3.37
N PRO A 135 -7.84 9.58 -2.59
CA PRO A 135 -9.06 9.58 -1.77
C PRO A 135 -10.28 9.68 -2.66
N GLU A 136 -11.36 9.00 -2.28
CA GLU A 136 -12.59 9.09 -3.03
C GLU A 136 -13.30 10.40 -2.69
N GLU A 137 -13.86 11.04 -3.72
CA GLU A 137 -14.70 12.24 -3.55
C GLU A 137 -15.67 12.13 -2.38
N ARG A 138 -16.35 10.99 -2.28
CA ARG A 138 -17.37 10.77 -1.27
C ARG A 138 -16.81 10.53 0.13
N GLY A 139 -15.50 10.69 0.30
CA GLY A 139 -14.85 10.39 1.56
C GLY A 139 -14.52 11.60 2.43
N SER A 140 -13.72 11.37 3.47
CA SER A 140 -13.30 12.43 4.40
C SER A 140 -12.31 13.40 3.73
N GLY A 141 -11.80 13.02 2.57
CA GLY A 141 -10.83 13.84 1.87
C GLY A 141 -9.37 13.43 2.06
N SER A 142 -9.12 12.46 2.93
CA SER A 142 -7.77 11.96 3.21
C SER A 142 -7.78 10.44 3.37
N ILE A 143 -6.79 9.77 2.78
CA ILE A 143 -6.52 8.38 3.14
C ILE A 143 -5.04 8.21 3.49
N ALA A 144 -4.68 7.12 4.15
CA ALA A 144 -3.29 6.91 4.56
C ALA A 144 -2.77 5.51 4.21
N VAL A 145 -1.46 5.39 4.05
CA VAL A 145 -0.81 4.09 3.99
C VAL A 145 0.00 3.91 5.26
N SER A 146 0.13 2.67 5.71
CA SER A 146 0.86 2.40 6.93
C SER A 146 2.31 2.10 6.60
N GLY A 147 2.53 1.53 5.41
CA GLY A 147 3.86 1.11 4.99
C GLY A 147 4.83 2.26 4.81
N ASN A 148 6.12 1.94 4.81
CA ASN A 148 7.17 2.93 4.60
C ASN A 148 7.11 4.08 5.61
N CYS A 149 6.84 3.74 6.87
CA CYS A 149 6.72 4.72 7.96
C CYS A 149 5.57 5.72 7.83
N GLY A 150 4.67 5.45 6.89
CA GLY A 150 3.41 6.17 6.80
C GLY A 150 3.37 7.41 5.94
N LEU A 151 2.41 7.46 5.02
CA LEU A 151 2.12 8.67 4.26
C LEU A 151 0.63 8.91 4.29
N THR A 152 0.24 10.17 4.21
CA THR A 152 -1.15 10.52 4.07
C THR A 152 -1.28 11.22 2.73
N ILE A 153 -2.34 10.92 1.99
CA ILE A 153 -2.61 11.65 0.75
C ILE A 153 -4.02 12.26 0.84
N SER A 154 -4.14 13.53 0.47
CA SER A 154 -5.37 14.28 0.72
C SER A 154 -5.80 15.04 -0.51
N GLU A 155 -7.09 15.36 -0.57
CA GLU A 155 -7.60 16.24 -1.60
C GLU A 155 -7.15 17.67 -1.25
N ASP A 156 -6.63 18.40 -2.24
CA ASP A 156 -6.22 19.79 -2.01
C ASP A 156 -7.43 20.62 -1.61
N PRO A 157 -7.43 21.17 -0.38
CA PRO A 157 -8.58 21.90 0.15
C PRO A 157 -8.94 23.13 -0.68
N GLY A 158 -7.98 23.67 -1.42
CA GLY A 158 -8.21 24.90 -2.15
C GLY A 158 -8.29 24.66 -3.65
N LYS A 159 -8.54 23.42 -4.04
CA LYS A 159 -8.62 23.08 -5.45
C LYS A 159 -9.32 21.74 -5.62
N ALA A 160 -10.61 21.78 -5.99
CA ALA A 160 -11.43 20.56 -6.12
C ALA A 160 -11.10 19.69 -7.34
N TYR A 161 -11.49 18.42 -7.27
CA TYR A 161 -11.33 17.49 -8.39
C TYR A 161 -12.07 18.05 -9.60
N GLU A 162 -11.48 17.93 -10.79
CA GLU A 162 -12.16 18.40 -12.01
C GLU A 162 -12.53 17.22 -12.90
N VAL A 163 -13.77 17.18 -13.38
CA VAL A 163 -14.20 16.11 -14.26
C VAL A 163 -14.57 16.69 -15.60
N GLU A 164 -13.92 16.20 -16.65
CA GLU A 164 -14.20 16.67 -18.02
C GLU A 164 -14.90 15.52 -18.76
N ASP A 165 -16.21 15.64 -18.91
CA ASP A 165 -17.04 14.53 -19.37
C ASP A 165 -16.78 14.17 -20.84
N GLU A 166 -16.63 15.18 -21.69
CA GLU A 166 -16.40 14.96 -23.11
C GLU A 166 -15.00 14.36 -23.37
N LEU A 167 -14.03 14.80 -22.59
CA LEU A 167 -12.67 14.28 -22.74
C LEU A 167 -12.44 12.98 -21.97
N LYS A 168 -13.37 12.66 -21.06
CA LYS A 168 -13.21 11.51 -20.14
C LYS A 168 -11.92 11.66 -19.35
N ILE A 169 -11.68 12.86 -18.84
CA ILE A 169 -10.48 13.10 -18.06
C ILE A 169 -10.91 13.58 -16.69
N THR A 170 -10.25 13.06 -15.65
CA THR A 170 -10.47 13.57 -14.29
C THR A 170 -9.15 14.11 -13.77
N ARG A 171 -9.18 15.31 -13.21
CA ARG A 171 -7.98 15.91 -12.63
C ARG A 171 -8.13 15.99 -11.12
N ARG A 172 -7.17 15.40 -10.42
CA ARG A 172 -7.19 15.36 -8.96
C ARG A 172 -5.97 16.11 -8.45
N TYR A 173 -6.22 17.12 -7.62
CA TYR A 173 -5.13 17.91 -7.05
C TYR A 173 -4.94 17.41 -5.63
N LEU A 174 -3.75 16.90 -5.37
CA LEU A 174 -3.50 16.08 -4.20
C LEU A 174 -2.36 16.64 -3.35
N ILE A 175 -2.37 16.28 -2.07
CA ILE A 175 -1.29 16.65 -1.17
C ILE A 175 -0.76 15.42 -0.47
N LEU A 176 0.52 15.11 -0.67
CA LEU A 176 1.17 14.01 0.04
C LEU A 176 1.89 14.57 1.25
N GLN A 177 1.74 13.89 2.40
CA GLN A 177 2.45 14.32 3.59
C GLN A 177 2.95 13.14 4.45
N ARG A 178 4.15 13.32 5.01
CA ARG A 178 4.67 12.45 6.08
C ARG A 178 4.69 13.30 7.33
N ALA A 179 4.57 12.67 8.49
CA ALA A 179 4.58 13.42 9.74
C ALA A 179 5.91 14.17 9.96
N ASP A 180 5.78 15.41 10.42
CA ASP A 180 6.93 16.28 10.70
C ASP A 180 7.79 16.58 9.47
N GLU A 181 7.20 16.47 8.28
CA GLU A 181 7.90 16.86 7.06
C GLU A 181 6.99 17.75 6.20
N PRO A 182 7.59 18.58 5.33
CA PRO A 182 6.76 19.48 4.54
C PRO A 182 5.88 18.74 3.53
N PRO A 183 4.62 19.19 3.37
CA PRO A 183 3.70 18.58 2.41
C PRO A 183 4.18 18.74 0.97
N HIS A 184 3.76 17.83 0.10
CA HIS A 184 4.09 17.93 -1.32
C HIS A 184 2.82 17.84 -2.16
N LYS A 185 2.55 18.89 -2.94
CA LYS A 185 1.40 18.92 -3.83
C LYS A 185 1.74 18.29 -5.16
N PHE A 186 0.78 17.57 -5.75
CA PHE A 186 0.94 17.06 -7.10
C PHE A 186 -0.43 16.90 -7.76
N THR A 187 -0.43 16.82 -9.09
CA THR A 187 -1.65 16.62 -9.86
C THR A 187 -1.66 15.21 -10.45
N GLN A 188 -2.73 14.46 -10.23
CA GLN A 188 -2.97 13.22 -10.98
C GLN A 188 -4.05 13.45 -12.02
N VAL A 189 -3.79 13.02 -13.26
CA VAL A 189 -4.74 13.18 -14.34
C VAL A 189 -5.10 11.77 -14.81
N GLN A 190 -6.37 11.38 -14.72
CA GLN A 190 -6.77 10.07 -15.17
C GLN A 190 -7.60 10.18 -16.45
N TYR A 191 -7.21 9.43 -17.47
CA TYR A 191 -7.94 9.41 -18.73
C TYR A 191 -8.60 8.03 -18.87
N THR A 192 -9.92 8.02 -18.90
CA THR A 192 -10.70 6.78 -18.88
C THR A 192 -11.43 6.51 -20.19
N GLY A 193 -11.06 7.23 -21.25
CA GLY A 193 -11.76 7.10 -22.52
C GLY A 193 -10.98 6.29 -23.56
N TRP A 194 -9.95 5.57 -23.12
CA TRP A 194 -9.17 4.73 -24.01
C TRP A 194 -8.97 3.34 -23.38
N PRO A 195 -9.85 2.39 -23.70
CA PRO A 195 -9.74 1.08 -23.05
C PRO A 195 -8.58 0.25 -23.65
N ASP A 196 -7.96 -0.59 -22.84
CA ASP A 196 -6.97 -1.54 -23.37
C ASP A 196 -7.59 -2.33 -24.53
N HIS A 197 -6.77 -2.65 -25.53
CA HIS A 197 -7.21 -3.34 -26.77
C HIS A 197 -8.05 -2.48 -27.70
N GLY A 198 -8.25 -1.20 -27.35
CA GLY A 198 -8.98 -0.30 -28.23
C GLY A 198 -8.13 0.91 -28.61
N ILE A 199 -8.76 1.94 -29.16
CA ILE A 199 -8.09 3.22 -29.45
C ILE A 199 -8.83 4.39 -28.76
N PRO A 200 -8.18 5.55 -28.65
CA PRO A 200 -8.88 6.65 -27.96
C PRO A 200 -10.19 7.03 -28.64
N GLN A 201 -11.20 7.32 -27.83
CA GLN A 201 -12.51 7.71 -28.33
C GLN A 201 -12.44 9.01 -29.11
N SER A 202 -11.59 9.93 -28.67
CA SER A 202 -11.31 11.15 -29.45
C SER A 202 -9.86 11.61 -29.37
N ALA A 203 -9.34 12.11 -30.50
CA ALA A 203 -8.00 12.71 -30.54
C ALA A 203 -7.78 13.80 -29.49
N THR A 204 -8.81 14.59 -29.19
CA THR A 204 -8.67 15.73 -28.28
C THR A 204 -8.16 15.37 -26.87
N SER A 205 -8.48 14.18 -26.38
CA SER A 205 -8.12 13.82 -25.02
C SER A 205 -6.62 13.64 -24.85
N LEU A 206 -6.02 12.92 -25.79
CA LEU A 206 -4.57 12.73 -25.82
C LEU A 206 -3.88 14.10 -25.90
N GLU A 207 -4.34 14.97 -26.78
CA GLU A 207 -3.78 16.33 -26.87
C GLU A 207 -3.86 17.08 -25.53
N ALA A 208 -4.97 16.89 -24.81
CA ALA A 208 -5.16 17.55 -23.53
C ALA A 208 -4.15 17.02 -22.51
N LEU A 209 -3.97 15.70 -22.51
CA LEU A 209 -2.94 15.09 -21.66
C LEU A 209 -1.56 15.66 -21.96
N LEU A 210 -1.22 15.80 -23.24
CA LEU A 210 0.10 16.29 -23.61
C LEU A 210 0.27 17.76 -23.22
N THR A 211 -0.83 18.51 -23.23
CA THR A 211 -0.81 19.88 -22.75
C THR A 211 -0.43 19.92 -21.28
N ASN A 212 -1.01 19.02 -20.48
CA ASN A 212 -0.59 18.89 -19.10
C ASN A 212 0.89 18.62 -18.98
N VAL A 213 1.39 17.64 -19.73
CA VAL A 213 2.81 17.31 -19.72
C VAL A 213 3.66 18.54 -19.98
N LYS A 214 3.35 19.26 -21.05
CA LYS A 214 4.13 20.44 -21.45
C LYS A 214 4.12 21.56 -20.42
N ASN A 215 2.98 21.74 -19.75
CA ASN A 215 2.84 22.81 -18.76
C ASN A 215 3.40 22.40 -17.40
N SER A 216 3.79 21.14 -17.26
CA SER A 216 4.38 20.64 -16.01
C SER A 216 5.88 20.98 -15.97
N PRO A 217 6.51 20.93 -14.78
CA PRO A 217 7.93 21.32 -14.69
C PRO A 217 8.91 20.28 -15.26
N THR A 218 9.99 20.77 -15.86
CA THR A 218 10.96 19.90 -16.51
C THR A 218 12.02 19.42 -15.53
N THR A 219 11.95 19.95 -14.30
CA THR A 219 12.91 19.58 -13.26
C THR A 219 12.69 18.17 -12.69
N VAL A 220 11.49 17.62 -12.87
CA VAL A 220 11.17 16.27 -12.39
C VAL A 220 10.47 15.48 -13.48
N PRO A 221 10.67 14.15 -13.49
CA PRO A 221 10.03 13.37 -14.56
C PRO A 221 8.52 13.31 -14.35
N VAL A 222 7.78 13.16 -15.44
CA VAL A 222 6.34 12.93 -15.36
C VAL A 222 6.09 11.43 -15.22
N VAL A 223 5.32 11.02 -14.20
CA VAL A 223 4.99 9.62 -14.04
C VAL A 223 3.78 9.24 -14.91
N VAL A 224 3.91 8.17 -15.68
CA VAL A 224 2.82 7.68 -16.54
C VAL A 224 2.59 6.19 -16.31
N HIS A 225 1.35 5.79 -16.04
CA HIS A 225 1.08 4.36 -15.90
C HIS A 225 -0.25 3.99 -16.51
N CYS A 226 -0.34 2.75 -17.01
CA CYS A 226 -1.62 2.17 -17.36
C CYS A 226 -1.80 0.99 -16.42
N SER A 227 -1.98 -0.23 -16.92
CA SER A 227 -1.95 -1.39 -16.00
C SER A 227 -0.54 -1.97 -15.83
N ALA A 228 0.06 -2.44 -16.92
CA ALA A 228 1.41 -2.99 -16.86
C ALA A 228 2.44 -1.89 -17.14
N GLY A 229 1.98 -0.73 -17.59
CA GLY A 229 2.89 0.38 -17.84
C GLY A 229 3.77 0.29 -19.07
N ILE A 230 3.32 -0.46 -20.08
CA ILE A 230 4.06 -0.51 -21.34
C ILE A 230 3.18 -0.26 -22.57
N GLY A 231 1.86 -0.26 -22.37
CA GLY A 231 0.95 -0.24 -23.51
C GLY A 231 0.51 1.16 -23.89
N ARG A 232 -0.62 1.57 -23.35
CA ARG A 232 -1.12 2.92 -23.50
C ARG A 232 -0.09 3.92 -22.95
N THR A 233 0.64 3.51 -21.92
CA THR A 233 1.70 4.33 -21.34
C THR A 233 2.77 4.63 -22.40
N GLY A 234 3.18 3.59 -23.13
CA GLY A 234 4.14 3.75 -24.22
C GLY A 234 3.66 4.64 -25.36
N THR A 235 2.38 4.51 -25.73
CA THR A 235 1.81 5.36 -26.77
C THR A 235 1.85 6.84 -26.39
N LEU A 236 1.43 7.13 -25.15
CA LEU A 236 1.42 8.50 -24.69
C LEU A 236 2.80 9.13 -24.76
N ILE A 237 3.81 8.42 -24.24
CA ILE A 237 5.17 8.93 -24.22
C ILE A 237 5.71 9.03 -25.66
N GLY A 238 5.36 8.05 -26.50
CA GLY A 238 5.78 8.08 -27.89
C GLY A 238 5.18 9.24 -28.68
N ALA A 239 3.90 9.49 -28.46
CA ALA A 239 3.21 10.59 -29.12
C ALA A 239 3.82 11.93 -28.68
N TYR A 240 4.11 12.06 -27.39
CA TYR A 240 4.78 13.25 -26.88
C TYR A 240 6.08 13.47 -27.63
N ALA A 241 6.90 12.41 -27.69
CA ALA A 241 8.20 12.50 -28.36
C ALA A 241 8.01 12.85 -29.83
N ALA A 242 7.18 12.09 -30.52
CA ALA A 242 6.96 12.33 -31.94
C ALA A 242 6.47 13.75 -32.19
N LEU A 243 5.58 14.26 -31.36
CA LEU A 243 5.05 15.60 -31.56
C LEU A 243 6.07 16.69 -31.26
N THR A 244 6.99 16.41 -30.34
CA THR A 244 8.07 17.35 -30.04
C THR A 244 8.98 17.47 -31.26
N HIS A 245 9.27 16.34 -31.92
CA HIS A 245 10.04 16.39 -33.16
C HIS A 245 9.34 17.24 -34.21
N LEU A 246 8.02 17.08 -34.31
CA LEU A 246 7.22 17.84 -35.26
C LEU A 246 7.35 19.32 -34.98
N GLU A 247 7.22 19.69 -33.71
CA GLU A 247 7.27 21.09 -33.28
C GLU A 247 8.64 21.76 -33.46
N ARG A 248 9.71 20.97 -33.45
CA ARG A 248 11.05 21.53 -33.64
C ARG A 248 11.64 21.17 -35.00
N GLY A 249 10.76 20.76 -35.92
CA GLY A 249 11.13 20.62 -37.31
C GLY A 249 12.02 19.43 -37.61
N THR A 250 12.02 18.44 -36.72
CA THR A 250 12.89 17.29 -36.89
C THR A 250 12.15 15.96 -37.11
N LEU A 251 10.85 16.05 -37.39
CA LEU A 251 10.08 14.89 -37.82
C LEU A 251 10.68 14.31 -39.10
N THR A 252 10.92 13.00 -39.12
CA THR A 252 11.38 12.35 -40.35
C THR A 252 10.48 11.16 -40.63
N ASP A 253 10.72 10.49 -41.75
CA ASP A 253 9.92 9.34 -42.14
C ASP A 253 10.08 8.17 -41.14
N THR A 254 11.12 8.22 -40.32
CA THR A 254 11.42 7.13 -39.40
C THR A 254 11.22 7.49 -37.93
N THR A 255 10.79 8.72 -37.67
CA THR A 255 10.62 9.21 -36.29
C THR A 255 9.82 8.28 -35.36
N VAL A 256 8.68 7.77 -35.84
CA VAL A 256 7.86 6.95 -34.94
C VAL A 256 8.55 5.64 -34.58
N TYR A 257 9.05 4.95 -35.61
CA TYR A 257 9.83 3.75 -35.38
C TYR A 257 11.04 4.05 -34.47
N ASP A 258 11.79 5.11 -34.77
CA ASP A 258 12.98 5.43 -33.98
C ASP A 258 12.67 5.73 -32.51
N VAL A 259 11.62 6.52 -32.29
CA VAL A 259 11.18 6.86 -30.95
C VAL A 259 10.77 5.63 -30.16
N VAL A 260 9.96 4.77 -30.77
CA VAL A 260 9.53 3.56 -30.06
C VAL A 260 10.71 2.64 -29.83
N SER A 261 11.62 2.56 -30.79
CA SER A 261 12.80 1.72 -30.65
C SER A 261 13.62 2.16 -29.43
N ALA A 262 13.79 3.47 -29.28
CA ALA A 262 14.56 4.01 -28.16
C ALA A 262 13.84 3.85 -26.81
N MET A 263 12.52 3.92 -26.81
CA MET A 263 11.76 3.68 -25.59
C MET A 263 11.95 2.21 -25.18
N ARG A 264 11.87 1.31 -26.15
CA ARG A 264 12.02 -0.12 -25.89
C ARG A 264 13.36 -0.50 -25.28
N ARG A 265 14.42 0.23 -25.61
CA ARG A 265 15.74 -0.04 -25.03
C ARG A 265 15.76 0.35 -23.56
N GLN A 266 14.82 1.20 -23.15
CA GLN A 266 14.84 1.72 -21.79
C GLN A 266 13.79 1.04 -20.90
N ARG A 267 12.77 0.47 -21.53
CA ARG A 267 11.79 -0.34 -20.81
C ARG A 267 11.25 -1.40 -21.78
N PHE A 268 11.65 -2.65 -21.56
CA PHE A 268 11.32 -3.73 -22.48
C PHE A 268 9.83 -3.80 -22.81
N GLY A 269 9.51 -3.81 -24.11
CA GLY A 269 8.15 -4.07 -24.53
C GLY A 269 7.28 -2.84 -24.70
N MET A 270 7.87 -1.65 -24.55
CA MET A 270 7.12 -0.40 -24.71
C MET A 270 6.33 -0.37 -26.02
N VAL A 271 5.07 0.08 -25.91
CA VAL A 271 4.07 -0.07 -26.97
C VAL A 271 3.82 -1.56 -27.22
N GLN A 272 2.82 -2.07 -26.52
CA GLN A 272 2.58 -3.49 -26.38
C GLN A 272 1.75 -4.06 -27.54
N ARG A 273 0.84 -3.25 -28.10
CA ARG A 273 -0.13 -3.75 -29.07
C ARG A 273 -0.06 -2.96 -30.35
N MET A 274 -0.38 -3.60 -31.46
CA MET A 274 -0.25 -2.99 -32.77
C MET A 274 -1.04 -1.68 -32.85
N GLU A 275 -2.27 -1.69 -32.36
CA GLU A 275 -3.12 -0.50 -32.47
C GLU A 275 -2.59 0.61 -31.59
N GLN A 276 -1.82 0.29 -30.56
CA GLN A 276 -1.23 1.34 -29.72
C GLN A 276 -0.11 2.05 -30.49
N TYR A 277 0.62 1.31 -31.31
CA TYR A 277 1.68 1.87 -32.14
C TYR A 277 1.04 2.73 -33.25
N PHE A 278 -0.05 2.20 -33.80
CA PHE A 278 -0.84 2.94 -34.76
C PHE A 278 -1.29 4.31 -34.22
N VAL A 279 -1.73 4.36 -32.96
CA VAL A 279 -2.20 5.62 -32.38
C VAL A 279 -1.15 6.75 -32.46
N ILE A 280 0.14 6.41 -32.37
CA ILE A 280 1.16 7.46 -32.48
C ILE A 280 1.10 8.11 -33.88
N TYR A 281 0.98 7.32 -34.94
CA TYR A 281 0.79 7.90 -36.28
C TYR A 281 -0.48 8.74 -36.37
N LEU A 282 -1.56 8.26 -35.76
CA LEU A 282 -2.85 8.97 -35.78
C LEU A 282 -2.76 10.34 -35.10
N THR A 283 -2.03 10.42 -33.98
CA THR A 283 -1.90 11.71 -33.33
C THR A 283 -1.09 12.68 -34.21
N LEU A 284 -0.11 12.16 -34.93
CA LEU A 284 0.69 13.01 -35.81
C LEU A 284 -0.19 13.54 -36.92
N MET A 285 -0.97 12.64 -37.50
CA MET A 285 -1.88 13.03 -38.57
C MET A 285 -2.89 14.08 -38.11
N CYS A 286 -3.53 13.87 -36.96
CA CYS A 286 -4.47 14.86 -36.43
C CYS A 286 -3.81 16.23 -36.21
N ARG A 287 -2.62 16.24 -35.62
CA ARG A 287 -1.90 17.51 -35.42
C ARG A 287 -1.67 18.20 -36.76
N LEU A 288 -1.41 17.39 -37.79
CA LEU A 288 -1.17 17.90 -39.14
C LEU A 288 -2.46 18.24 -39.87
N GLY A 289 -3.61 17.90 -39.28
CA GLY A 289 -4.87 18.20 -39.92
C GLY A 289 -5.22 17.22 -41.02
N VAL A 290 -4.62 16.04 -40.98
CA VAL A 290 -4.93 14.98 -41.93
C VAL A 290 -6.03 14.08 -41.36
N ASP A 291 -7.05 13.81 -42.17
CA ASP A 291 -8.19 12.99 -41.75
C ASP A 291 -7.78 11.55 -41.44
N ILE A 292 -8.20 11.04 -40.29
CA ILE A 292 -7.84 9.70 -39.84
C ILE A 292 -9.04 8.76 -39.82
N LYS A 293 -10.17 9.23 -40.34
CA LYS A 293 -11.44 8.52 -40.20
C LYS A 293 -11.45 7.14 -40.87
N ALA A 294 -10.94 7.05 -42.10
CA ALA A 294 -10.83 5.77 -42.79
C ALA A 294 -9.89 4.79 -42.07
N LEU A 295 -8.79 5.29 -41.52
CA LEU A 295 -7.86 4.44 -40.76
C LEU A 295 -8.48 3.93 -39.48
N VAL A 296 -9.08 4.85 -38.72
CA VAL A 296 -9.86 4.52 -37.54
C VAL A 296 -10.91 3.47 -37.91
N GLY A 297 -11.53 3.64 -39.08
CA GLY A 297 -12.49 2.68 -39.59
C GLY A 297 -11.92 1.28 -39.76
N LEU A 298 -10.72 1.19 -40.32
CA LEU A 298 -10.04 -0.10 -40.48
C LEU A 298 -9.65 -0.75 -39.15
N LEU A 299 -9.40 0.06 -38.13
CA LEU A 299 -8.96 -0.48 -36.85
C LEU A 299 -10.16 -0.95 -36.00
N ASN A 300 -11.35 -0.43 -36.31
CA ASN A 300 -12.56 -0.82 -35.58
C ASN A 300 -13.27 -2.05 -36.17
N SER B 4 17.15 -26.14 30.02
CA SER B 4 16.32 -26.25 28.81
C SER B 4 16.46 -25.03 27.90
N ASN B 5 16.68 -23.86 28.50
CA ASN B 5 16.82 -22.62 27.72
C ASN B 5 18.14 -22.53 26.95
N CYS B 6 18.05 -22.65 25.63
CA CYS B 6 19.22 -22.53 24.77
C CYS B 6 19.11 -21.27 23.92
N PHE B 7 19.86 -20.24 24.28
CA PHE B 7 19.83 -18.98 23.53
C PHE B 7 21.21 -18.40 23.25
N PRO B 8 21.99 -19.10 22.39
CA PRO B 8 23.38 -18.75 22.08
C PRO B 8 23.57 -17.33 21.53
N PHE B 9 22.47 -16.62 21.29
CA PHE B 9 22.48 -15.25 20.82
C PHE B 9 23.27 -14.31 21.74
N THR B 10 23.30 -14.65 23.02
CA THR B 10 24.06 -13.89 24.01
C THR B 10 25.57 -14.09 23.87
N LYS B 11 25.98 -15.26 23.38
CA LYS B 11 27.41 -15.59 23.28
C LYS B 11 28.00 -15.23 21.92
N LEU B 12 27.45 -14.20 21.28
CA LEU B 12 27.95 -13.71 20.01
C LEU B 12 28.37 -12.24 20.10
N SER B 13 29.22 -11.80 19.18
CA SER B 13 29.68 -10.40 19.16
C SER B 13 28.57 -9.37 18.97
N VAL B 14 28.91 -8.10 19.16
CA VAL B 14 27.95 -7.01 19.01
C VAL B 14 27.53 -6.85 17.56
N GLN B 15 28.48 -7.03 16.65
CA GLN B 15 28.21 -6.96 15.21
C GLN B 15 27.94 -8.35 14.66
N ALA B 16 27.87 -9.34 15.54
CA ALA B 16 27.38 -10.67 15.16
C ALA B 16 25.86 -10.68 15.25
N GLN B 17 25.38 -10.33 16.43
CA GLN B 17 23.95 -10.22 16.73
C GLN B 17 23.25 -9.31 15.72
N TYR B 18 23.70 -8.06 15.65
CA TYR B 18 23.13 -7.08 14.74
C TYR B 18 23.06 -7.58 13.29
N GLU B 19 24.09 -8.31 12.86
CA GLU B 19 24.10 -8.89 11.53
C GLU B 19 23.04 -9.96 11.38
N ARG B 20 22.88 -10.78 12.42
CA ARG B 20 21.93 -11.88 12.42
C ARG B 20 20.48 -11.40 12.32
N VAL B 21 20.06 -10.57 13.27
CA VAL B 21 18.72 -10.01 13.32
C VAL B 21 18.34 -9.38 11.98
N GLN B 22 19.26 -8.60 11.42
CA GLN B 22 19.08 -7.96 10.13
C GLN B 22 18.66 -8.96 9.07
N ARG B 23 19.33 -10.11 9.05
CA ARG B 23 19.13 -11.13 8.02
C ARG B 23 17.89 -12.00 8.26
N GLU B 24 17.61 -12.28 9.54
CA GLU B 24 16.39 -12.99 9.89
C GLU B 24 15.16 -12.16 9.50
N PHE B 25 15.19 -10.87 9.84
CA PHE B 25 14.07 -10.01 9.53
C PHE B 25 13.91 -9.83 8.04
N SER B 26 15.03 -9.70 7.33
CA SER B 26 15.03 -9.57 5.88
C SER B 26 14.47 -10.83 5.23
N LEU B 27 14.69 -11.97 5.88
CA LEU B 27 14.07 -13.22 5.49
C LEU B 27 12.57 -13.18 5.75
N LEU B 28 12.18 -12.68 6.92
CA LEU B 28 10.78 -12.58 7.28
C LEU B 28 10.02 -11.66 6.32
N LEU B 29 10.72 -10.65 5.78
CA LEU B 29 10.08 -9.64 4.93
C LEU B 29 9.54 -10.24 3.64
N ARG B 30 10.08 -11.39 3.24
CA ARG B 30 9.77 -11.96 1.93
C ARG B 30 9.01 -13.28 2.03
N GLN B 31 8.65 -13.67 3.25
CA GLN B 31 8.00 -14.95 3.51
C GLN B 31 6.62 -15.09 2.85
N GLU B 32 5.77 -14.10 3.03
CA GLU B 32 4.39 -14.22 2.58
C GLU B 32 4.16 -13.70 1.15
N ASP B 33 3.48 -14.48 0.32
CA ASP B 33 3.16 -14.11 -1.06
C ASP B 33 1.71 -13.64 -1.14
N PRO B 34 1.49 -12.31 -1.17
CA PRO B 34 0.13 -11.74 -1.18
C PRO B 34 -0.69 -12.17 -2.40
N ARG B 35 0.01 -12.51 -3.48
CA ARG B 35 -0.63 -13.01 -4.69
C ARG B 35 -1.37 -14.34 -4.42
N SER B 36 -0.87 -15.10 -3.45
CA SER B 36 -1.47 -16.39 -3.10
C SER B 36 -2.35 -16.33 -1.84
N ILE B 37 -2.69 -15.12 -1.38
CA ILE B 37 -3.50 -14.96 -0.17
C ILE B 37 -4.85 -14.30 -0.49
N SER B 38 -5.94 -14.84 0.07
CA SER B 38 -7.23 -14.16 -0.03
C SER B 38 -7.38 -13.06 1.02
N PHE B 39 -7.83 -11.90 0.59
CA PHE B 39 -8.16 -10.82 1.50
C PHE B 39 -9.60 -10.40 1.17
N ALA B 40 -10.41 -11.35 0.72
CA ALA B 40 -11.69 -11.04 0.08
C ALA B 40 -12.63 -10.17 0.91
N THR B 41 -12.84 -10.53 2.18
CA THR B 41 -13.77 -9.79 3.04
C THR B 41 -13.24 -8.39 3.40
N SER B 42 -11.93 -8.32 3.65
CA SER B 42 -11.27 -7.06 3.98
C SER B 42 -11.38 -6.08 2.79
N LEU B 43 -11.23 -6.61 1.58
CA LEU B 43 -11.32 -5.79 0.37
C LEU B 43 -12.75 -5.35 0.17
N LYS B 44 -13.70 -6.18 0.58
CA LYS B 44 -15.12 -5.84 0.46
C LYS B 44 -15.47 -4.74 1.46
N ASN B 45 -14.73 -4.70 2.57
CA ASN B 45 -14.99 -3.75 3.64
C ASN B 45 -13.96 -2.62 3.73
N ARG B 46 -13.54 -2.15 2.55
CA ARG B 46 -12.52 -1.12 2.41
C ARG B 46 -12.87 0.14 3.22
N HIS B 47 -14.15 0.50 3.22
CA HIS B 47 -14.58 1.68 3.97
C HIS B 47 -14.40 1.52 5.49
N LYS B 48 -14.20 0.30 5.96
CA LYS B 48 -13.92 0.13 7.40
C LYS B 48 -12.45 -0.08 7.70
N ASN B 49 -11.58 0.09 6.70
CA ASN B 49 -10.14 -0.09 6.95
C ASN B 49 -9.46 1.24 7.22
N ARG B 50 -8.57 1.28 8.20
CA ARG B 50 -7.91 2.52 8.55
C ARG B 50 -6.86 2.88 7.49
N TYR B 51 -6.28 1.86 6.86
CA TYR B 51 -5.19 2.08 5.92
C TYR B 51 -5.43 1.38 4.57
N LEU B 52 -5.15 2.10 3.48
CA LEU B 52 -5.32 1.54 2.13
C LEU B 52 -4.55 0.23 1.94
N ASP B 53 -3.40 0.11 2.61
CA ASP B 53 -2.48 -1.00 2.34
C ASP B 53 -2.58 -2.15 3.33
N ILE B 54 -3.45 -2.00 4.34
CA ILE B 54 -3.51 -3.00 5.41
C ILE B 54 -4.82 -3.79 5.41
N LEU B 55 -4.73 -5.05 4.95
CA LEU B 55 -5.88 -5.92 4.75
C LEU B 55 -5.79 -7.17 5.65
N ALA B 56 -6.92 -7.62 6.19
CA ALA B 56 -6.91 -8.82 7.05
C ALA B 56 -7.01 -10.12 6.22
N ASN B 57 -6.14 -11.10 6.49
CA ASN B 57 -6.23 -12.39 5.78
C ASN B 57 -7.58 -13.06 5.97
N GLU B 58 -8.15 -13.55 4.87
CA GLU B 58 -9.41 -14.27 4.92
C GLU B 58 -9.38 -15.52 5.81
N ALA B 59 -8.31 -16.31 5.72
CA ALA B 59 -8.26 -17.62 6.38
C ALA B 59 -8.32 -17.53 7.91
N THR B 60 -7.82 -16.43 8.46
CA THR B 60 -7.79 -16.25 9.91
C THR B 60 -8.62 -15.05 10.39
N LEU B 61 -9.37 -14.46 9.46
CA LEU B 61 -10.24 -13.32 9.77
C LEU B 61 -11.11 -13.60 11.00
N TYR B 62 -11.09 -12.69 11.96
CA TYR B 62 -11.84 -12.89 13.19
C TYR B 62 -13.02 -11.92 13.26
N PRO B 63 -14.17 -12.37 13.78
CA PRO B 63 -14.45 -13.68 14.36
C PRO B 63 -14.92 -14.74 13.36
N GLN B 64 -14.90 -14.44 12.07
CA GLN B 64 -15.43 -15.35 11.04
C GLN B 64 -14.81 -16.73 11.12
N VAL B 65 -13.50 -16.78 11.35
CA VAL B 65 -12.78 -18.06 11.44
C VAL B 65 -13.38 -19.01 12.51
N THR B 66 -14.12 -18.47 13.46
CA THR B 66 -14.75 -19.30 14.49
C THR B 66 -16.16 -19.80 14.14
N ASP B 67 -16.80 -19.19 13.14
CA ASP B 67 -18.17 -19.57 12.77
C ASP B 67 -18.27 -21.02 12.28
N ALA B 68 -19.37 -21.69 12.62
CA ALA B 68 -19.47 -23.13 12.43
C ALA B 68 -20.28 -23.56 11.21
N PRO B 69 -19.71 -23.34 10.02
CA PRO B 69 -20.24 -23.89 8.77
C PRO B 69 -21.68 -23.48 8.44
N GLY B 70 -21.82 -22.57 7.49
CA GLY B 70 -23.14 -22.08 7.11
C GLY B 70 -23.57 -20.91 7.98
N ALA B 71 -23.19 -20.96 9.25
CA ALA B 71 -23.38 -19.83 10.16
C ALA B 71 -22.47 -18.69 9.72
N SER B 72 -22.90 -17.45 9.91
CA SER B 72 -22.11 -16.30 9.45
C SER B 72 -22.02 -15.12 10.43
N THR B 73 -21.23 -14.12 10.06
CA THR B 73 -20.96 -12.95 10.90
C THR B 73 -21.39 -11.66 10.17
N PRO B 74 -22.26 -10.85 10.81
CA PRO B 74 -22.85 -9.67 10.16
C PRO B 74 -22.06 -8.38 10.41
N TYR B 75 -20.85 -8.50 10.94
CA TYR B 75 -20.01 -7.33 11.13
C TYR B 75 -18.56 -7.60 10.72
N TYR B 76 -17.74 -6.56 10.69
CA TYR B 76 -16.39 -6.70 10.20
C TYR B 76 -15.40 -5.96 11.06
N ILE B 77 -14.31 -6.63 11.42
CA ILE B 77 -13.16 -5.93 11.94
C ILE B 77 -11.98 -6.29 11.07
N ASN B 78 -11.04 -5.36 10.97
CA ASN B 78 -9.78 -5.66 10.29
C ASN B 78 -8.89 -6.31 11.35
N GLY B 79 -9.05 -7.62 11.51
CA GLY B 79 -8.37 -8.34 12.58
C GLY B 79 -8.28 -9.83 12.29
N ASN B 80 -7.28 -10.48 12.90
CA ASN B 80 -7.05 -11.89 12.65
C ASN B 80 -6.77 -12.64 13.94
N LEU B 81 -7.26 -13.88 14.03
CA LEU B 81 -6.93 -14.73 15.16
C LEU B 81 -5.45 -15.12 15.04
N ILE B 82 -4.69 -14.95 16.13
CA ILE B 82 -3.30 -15.42 16.15
C ILE B 82 -3.12 -16.55 17.15
N ASP B 83 -2.81 -17.74 16.66
CA ASP B 83 -2.60 -18.91 17.52
C ASP B 83 -1.10 -19.25 17.53
N LEU B 84 -0.49 -19.27 18.71
CA LEU B 84 0.94 -19.57 18.80
C LEU B 84 1.25 -20.82 19.66
N ASP B 85 0.22 -21.65 19.85
CA ASP B 85 0.34 -22.89 20.64
C ASP B 85 0.73 -22.57 22.07
N LEU B 86 0.17 -21.48 22.59
CA LEU B 86 0.44 -21.00 23.94
C LEU B 86 -0.89 -20.88 24.68
N PRO B 87 -0.84 -20.70 26.02
CA PRO B 87 -2.11 -20.67 26.76
C PRO B 87 -3.03 -19.53 26.30
N HIS B 88 -2.46 -18.39 25.94
CA HIS B 88 -3.28 -17.32 25.37
C HIS B 88 -3.23 -17.25 23.85
N LYS B 89 -4.37 -16.94 23.26
CA LYS B 89 -4.48 -16.60 21.84
C LYS B 89 -4.84 -15.14 21.73
N PHE B 90 -4.68 -14.58 20.53
CA PHE B 90 -4.84 -13.15 20.33
C PHE B 90 -5.68 -12.82 19.10
N VAL B 91 -6.37 -11.68 19.15
CA VAL B 91 -6.93 -11.06 17.97
C VAL B 91 -6.08 -9.84 17.68
N ALA B 92 -5.21 -9.94 16.68
CA ALA B 92 -4.44 -8.78 16.25
C ALA B 92 -5.28 -7.98 15.26
N CYS B 93 -5.61 -6.75 15.61
CA CYS B 93 -6.50 -5.97 14.77
C CYS B 93 -6.11 -4.49 14.73
N GLN B 94 -6.69 -3.74 13.80
CA GLN B 94 -6.44 -2.32 13.70
C GLN B 94 -7.22 -1.59 14.78
N ALA B 95 -6.85 -0.34 15.03
CA ALA B 95 -7.77 0.56 15.77
C ALA B 95 -8.97 0.83 14.84
N PRO B 96 -10.20 0.48 15.28
CA PRO B 96 -11.32 0.59 14.34
C PRO B 96 -11.60 2.05 13.94
N VAL B 97 -12.08 2.24 12.71
CA VAL B 97 -12.49 3.57 12.28
C VAL B 97 -13.93 3.81 12.75
N VAL B 98 -14.34 5.08 12.72
CA VAL B 98 -15.67 5.47 13.19
C VAL B 98 -16.76 4.57 12.59
N GLN B 99 -16.68 4.34 11.28
CA GLN B 99 -17.65 3.49 10.58
C GLN B 99 -17.63 2.04 11.06
N GLY B 100 -16.54 1.63 11.69
CA GLY B 100 -16.41 0.24 12.14
C GLY B 100 -16.35 0.08 13.65
N ILE B 101 -16.48 1.18 14.38
CA ILE B 101 -16.57 1.12 15.84
C ILE B 101 -17.74 0.23 16.36
N PRO B 102 -18.97 0.41 15.82
CA PRO B 102 -20.04 -0.54 16.19
C PRO B 102 -19.67 -2.02 15.98
N ASP B 103 -19.05 -2.36 14.86
CA ASP B 103 -18.59 -3.73 14.60
C ASP B 103 -17.62 -4.22 15.65
N PHE B 104 -16.65 -3.35 15.99
CA PHE B 104 -15.63 -3.70 16.95
C PHE B 104 -16.26 -3.96 18.32
N LEU B 105 -17.15 -3.08 18.76
CA LEU B 105 -17.80 -3.26 20.06
C LEU B 105 -18.73 -4.48 20.05
N ALA B 106 -19.42 -4.71 18.93
CA ALA B 106 -20.24 -5.91 18.79
C ALA B 106 -19.37 -7.15 18.89
N MET B 107 -18.19 -7.11 18.30
CA MET B 107 -17.27 -8.24 18.38
C MET B 107 -16.87 -8.50 19.84
N LEU B 108 -16.53 -7.44 20.57
CA LEU B 108 -16.09 -7.58 21.95
C LEU B 108 -17.18 -8.19 22.84
N TYR B 109 -18.40 -7.74 22.64
CA TYR B 109 -19.56 -8.23 23.39
C TYR B 109 -19.91 -9.68 23.06
N GLU B 110 -20.02 -9.99 21.76
CA GLU B 110 -20.44 -11.34 21.35
C GLU B 110 -19.41 -12.40 21.69
N LYS B 111 -18.13 -12.03 21.57
CA LYS B 111 -17.08 -13.00 21.86
C LYS B 111 -16.61 -12.93 23.30
N LYS B 112 -17.24 -12.06 24.10
CA LYS B 112 -16.96 -11.97 25.54
C LYS B 112 -15.47 -11.75 25.79
N ILE B 113 -14.88 -10.84 25.03
CA ILE B 113 -13.47 -10.51 25.20
C ILE B 113 -13.25 -9.89 26.57
N SER B 114 -12.30 -10.43 27.33
CA SER B 114 -12.05 -9.90 28.67
C SER B 114 -11.03 -8.76 28.70
N LEU B 115 -10.07 -8.80 27.79
CA LEU B 115 -8.99 -7.83 27.81
C LEU B 115 -8.70 -7.25 26.43
N VAL B 116 -8.65 -5.92 26.35
CA VAL B 116 -8.20 -5.24 25.15
C VAL B 116 -6.94 -4.43 25.45
N ILE B 117 -5.89 -4.64 24.65
CA ILE B 117 -4.66 -3.89 24.82
C ILE B 117 -4.55 -2.91 23.68
N MET B 118 -4.37 -1.63 24.00
CA MET B 118 -4.28 -0.58 22.98
C MET B 118 -2.90 0.06 23.08
N VAL B 119 -2.10 -0.10 22.04
CA VAL B 119 -0.72 0.38 22.07
C VAL B 119 -0.50 1.52 21.09
N THR B 120 -1.32 2.55 21.24
CA THR B 120 -1.21 3.76 20.46
C THR B 120 -1.92 4.88 21.19
N LYS B 121 -1.51 6.12 20.91
CA LYS B 121 -2.30 7.27 21.31
C LYS B 121 -3.39 7.46 20.26
N LEU B 122 -4.38 8.30 20.56
CA LEU B 122 -5.40 8.65 19.58
C LEU B 122 -4.78 9.42 18.41
N GLU B 123 -3.88 10.33 18.76
CA GLU B 123 -3.17 11.13 17.75
C GLU B 123 -1.67 11.13 18.03
N GLU B 124 -0.87 11.11 16.97
CA GLU B 124 0.57 11.28 17.13
C GLU B 124 1.10 12.30 16.12
N GLY B 125 1.65 13.39 16.63
CA GLY B 125 2.21 14.44 15.79
C GLY B 125 1.25 14.96 14.73
N GLY B 126 0.03 15.28 15.15
CA GLY B 126 -0.93 15.89 14.25
C GLY B 126 -1.71 14.91 13.39
N PHE B 127 -1.36 13.62 13.45
CA PHE B 127 -2.06 12.63 12.64
C PHE B 127 -2.89 11.69 13.49
N VAL B 128 -4.15 11.51 13.10
CA VAL B 128 -5.06 10.61 13.82
C VAL B 128 -4.62 9.17 13.61
N LYS B 129 -4.32 8.50 14.73
CA LYS B 129 -3.91 7.10 14.71
C LYS B 129 -5.05 6.18 15.14
N ALA B 130 -5.92 6.70 16.00
CA ALA B 130 -7.05 5.90 16.53
C ALA B 130 -8.30 6.73 16.84
N ASP B 131 -9.43 6.05 17.00
CA ASP B 131 -10.70 6.71 17.36
C ASP B 131 -11.24 6.16 18.68
N ARG B 132 -11.63 7.05 19.59
CA ARG B 132 -12.14 6.66 20.91
C ARG B 132 -13.40 5.83 20.80
N TYR B 133 -13.40 4.68 21.49
CA TYR B 133 -14.59 3.83 21.56
C TYR B 133 -15.04 3.62 23.01
N TRP B 134 -14.51 4.41 23.93
CA TRP B 134 -14.92 4.35 25.33
C TRP B 134 -15.53 5.67 25.79
N PRO B 135 -16.44 5.61 26.77
CA PRO B 135 -17.04 6.86 27.28
C PRO B 135 -15.97 7.74 27.92
N GLU B 136 -16.09 9.05 27.76
CA GLU B 136 -15.25 9.97 28.53
C GLU B 136 -16.12 11.03 29.20
N GLU B 137 -16.65 10.67 30.36
CA GLU B 137 -17.54 11.55 31.10
C GLU B 137 -16.92 11.70 32.48
N ARG B 138 -17.65 12.30 33.42
CA ARG B 138 -17.10 12.48 34.75
C ARG B 138 -17.26 11.21 35.60
N GLY B 139 -17.08 10.05 34.94
CA GLY B 139 -17.15 8.77 35.61
C GLY B 139 -18.47 8.05 35.37
N SER B 140 -19.52 8.83 35.10
CA SER B 140 -20.84 8.29 34.82
C SER B 140 -20.82 7.43 33.56
N GLY B 141 -20.73 8.11 32.41
CA GLY B 141 -20.44 7.50 31.13
C GLY B 141 -21.19 6.26 30.70
N SER B 142 -22.29 6.46 29.97
CA SER B 142 -23.02 5.38 29.32
C SER B 142 -23.59 5.84 27.97
N ILE B 143 -23.01 5.36 26.86
CA ILE B 143 -23.35 5.86 25.53
C ILE B 143 -23.91 4.76 24.61
N ALA B 144 -24.91 5.13 23.81
CA ALA B 144 -25.53 4.21 22.86
C ALA B 144 -24.66 4.08 21.60
N VAL B 145 -24.45 2.84 21.15
CA VAL B 145 -23.58 2.57 19.99
C VAL B 145 -24.42 2.58 18.71
N SER B 146 -23.88 3.13 17.60
CA SER B 146 -24.63 3.15 16.32
C SER B 146 -24.90 1.76 15.74
N GLY B 147 -25.89 1.67 14.84
CA GLY B 147 -26.41 0.38 14.36
C GLY B 147 -27.78 0.16 14.98
N ASN B 148 -28.44 -0.96 14.68
CA ASN B 148 -29.80 -1.19 15.20
C ASN B 148 -29.85 -2.16 16.38
N CYS B 149 -28.68 -2.71 16.71
CA CYS B 149 -28.48 -3.69 17.78
C CYS B 149 -29.14 -3.34 19.11
N GLY B 150 -28.70 -2.25 19.72
CA GLY B 150 -29.16 -1.88 21.04
C GLY B 150 -28.00 -1.98 22.01
N LEU B 151 -26.80 -1.87 21.47
CA LEU B 151 -25.59 -1.96 22.25
C LEU B 151 -25.27 -0.63 22.96
N THR B 152 -24.92 -0.73 24.22
CA THR B 152 -24.56 0.43 25.04
C THR B 152 -23.20 0.16 25.62
N ILE B 153 -22.38 1.19 25.82
CA ILE B 153 -21.12 0.97 26.54
C ILE B 153 -21.01 1.97 27.68
N SER B 154 -20.64 1.46 28.86
CA SER B 154 -20.60 2.26 30.06
C SER B 154 -19.29 2.07 30.77
N GLU B 155 -18.92 3.07 31.57
CA GLU B 155 -17.84 2.90 32.52
C GLU B 155 -18.42 2.11 33.69
N ASP B 156 -17.67 1.12 34.17
CA ASP B 156 -18.09 0.33 35.32
C ASP B 156 -18.26 1.29 36.50
N PRO B 157 -19.51 1.47 36.98
CA PRO B 157 -19.76 2.34 38.13
C PRO B 157 -19.00 1.88 39.36
N GLY B 158 -18.61 0.61 39.40
CA GLY B 158 -17.96 0.07 40.58
C GLY B 158 -16.44 0.14 40.56
N LYS B 159 -15.88 0.67 39.49
CA LYS B 159 -14.43 0.70 39.34
C LYS B 159 -14.01 1.76 38.32
N ALA B 160 -13.53 2.89 38.82
CA ALA B 160 -13.16 4.05 37.98
C ALA B 160 -11.93 3.81 37.12
N TYR B 161 -11.79 4.61 36.06
CA TYR B 161 -10.60 4.58 35.21
C TYR B 161 -9.35 4.79 36.07
N GLU B 162 -8.27 4.07 35.77
CA GLU B 162 -7.00 4.21 36.49
C GLU B 162 -5.91 4.79 35.61
N VAL B 163 -5.25 5.84 36.07
CA VAL B 163 -4.20 6.49 35.29
C VAL B 163 -2.84 6.30 35.95
N GLU B 164 -1.97 5.48 35.35
CA GLU B 164 -0.60 5.31 35.85
C GLU B 164 0.36 6.17 35.05
N ASP B 165 0.57 7.40 35.53
CA ASP B 165 1.34 8.39 34.79
C ASP B 165 2.80 7.99 34.66
N GLU B 166 3.29 7.15 35.57
CA GLU B 166 4.67 6.66 35.53
C GLU B 166 4.92 5.75 34.34
N LEU B 167 3.98 4.86 34.05
CA LEU B 167 4.13 3.89 32.97
C LEU B 167 3.36 4.27 31.71
N LYS B 168 2.79 5.48 31.70
CA LYS B 168 1.97 5.96 30.59
C LYS B 168 0.85 4.98 30.24
N ILE B 169 0.28 4.37 31.28
CA ILE B 169 -0.77 3.37 31.10
C ILE B 169 -2.11 3.81 31.72
N THR B 170 -3.19 3.65 30.96
CA THR B 170 -4.53 3.91 31.47
C THR B 170 -5.34 2.61 31.46
N ARG B 171 -6.03 2.32 32.56
CA ARG B 171 -6.87 1.13 32.65
C ARG B 171 -8.34 1.51 32.74
N ARG B 172 -9.11 1.03 31.78
CA ARG B 172 -10.53 1.36 31.72
C ARG B 172 -11.37 0.11 31.91
N TYR B 173 -12.27 0.17 32.89
CA TYR B 173 -13.16 -0.94 33.17
C TYR B 173 -14.54 -0.57 32.63
N LEU B 174 -14.98 -1.34 31.64
CA LEU B 174 -16.09 -0.95 30.78
C LEU B 174 -17.15 -2.03 30.78
N ILE B 175 -18.36 -1.70 30.35
CA ILE B 175 -19.44 -2.68 30.28
C ILE B 175 -20.17 -2.56 28.96
N LEU B 176 -20.32 -3.69 28.27
CA LEU B 176 -21.15 -3.72 27.08
C LEU B 176 -22.47 -4.38 27.49
N GLN B 177 -23.57 -3.81 27.01
CA GLN B 177 -24.91 -4.26 27.39
C GLN B 177 -25.78 -4.10 26.17
N ARG B 178 -26.62 -5.11 25.91
CA ARG B 178 -27.55 -5.07 24.79
C ARG B 178 -28.90 -5.57 25.28
N ALA B 179 -29.96 -4.78 25.07
CA ALA B 179 -31.30 -5.18 25.49
C ALA B 179 -31.36 -5.50 27.00
N ASP B 180 -31.94 -6.65 27.33
CA ASP B 180 -31.89 -7.12 28.72
C ASP B 180 -31.08 -8.42 28.82
N GLU B 181 -30.16 -8.61 27.87
CA GLU B 181 -29.22 -9.72 27.91
C GLU B 181 -28.25 -9.49 29.05
N PRO B 182 -27.59 -10.57 29.52
CA PRO B 182 -26.59 -10.36 30.57
C PRO B 182 -25.44 -9.50 30.03
N PRO B 183 -25.16 -8.37 30.72
CA PRO B 183 -24.12 -7.41 30.32
C PRO B 183 -22.73 -8.06 30.34
N HIS B 184 -21.79 -7.53 29.56
CA HIS B 184 -20.44 -8.09 29.53
C HIS B 184 -19.36 -7.09 29.95
N LYS B 185 -18.66 -7.39 31.02
CA LYS B 185 -17.55 -6.56 31.50
C LYS B 185 -16.23 -6.90 30.81
N PHE B 186 -15.42 -5.88 30.57
CA PHE B 186 -14.06 -6.10 30.10
C PHE B 186 -13.14 -4.97 30.53
N THR B 187 -11.85 -5.22 30.40
CA THR B 187 -10.84 -4.24 30.77
C THR B 187 -10.11 -3.82 29.50
N GLN B 188 -9.91 -2.52 29.35
CA GLN B 188 -9.08 -2.01 28.26
C GLN B 188 -7.86 -1.34 28.88
N VAL B 189 -6.67 -1.65 28.36
CA VAL B 189 -5.44 -1.05 28.85
C VAL B 189 -4.72 -0.33 27.71
N GLN B 190 -4.54 0.98 27.85
CA GLN B 190 -3.91 1.77 26.80
C GLN B 190 -2.53 2.28 27.21
N TYR B 191 -1.54 2.01 26.35
CA TYR B 191 -0.16 2.44 26.59
C TYR B 191 0.20 3.51 25.57
N THR B 192 0.57 4.68 26.06
CA THR B 192 0.79 5.83 25.18
C THR B 192 2.27 6.22 25.04
N GLY B 193 3.17 5.40 25.57
CA GLY B 193 4.60 5.70 25.48
C GLY B 193 5.36 4.90 24.42
N TRP B 194 4.68 4.54 23.33
CA TRP B 194 5.27 3.76 22.24
C TRP B 194 4.89 4.40 20.91
N PRO B 195 5.74 5.31 20.40
CA PRO B 195 5.46 5.93 19.08
C PRO B 195 5.32 4.93 17.92
N ASP B 196 4.47 5.25 16.94
CA ASP B 196 4.29 4.44 15.73
C ASP B 196 5.62 4.15 15.04
N HIS B 197 5.71 3.00 14.37
CA HIS B 197 6.93 2.53 13.69
C HIS B 197 8.17 2.51 14.61
N GLY B 198 7.95 2.45 15.92
CA GLY B 198 9.05 2.57 16.86
C GLY B 198 9.02 1.63 18.05
N ILE B 199 9.83 1.96 19.06
CA ILE B 199 10.05 1.06 20.20
C ILE B 199 9.58 1.69 21.51
N PRO B 200 9.15 0.84 22.47
CA PRO B 200 8.71 1.33 23.79
C PRO B 200 9.79 2.17 24.47
N GLN B 201 9.35 3.22 25.16
CA GLN B 201 10.25 4.08 25.92
C GLN B 201 10.59 3.44 27.26
N SER B 202 9.79 2.43 27.63
CA SER B 202 9.90 1.78 28.93
C SER B 202 9.74 0.26 28.85
N ALA B 203 10.77 -0.47 29.28
CA ALA B 203 10.68 -1.92 29.38
C ALA B 203 9.66 -2.32 30.44
N THR B 204 9.59 -1.53 31.52
CA THR B 204 8.65 -1.79 32.60
C THR B 204 7.20 -1.68 32.11
N SER B 205 6.91 -0.66 31.29
CA SER B 205 5.58 -0.46 30.74
C SER B 205 5.14 -1.66 29.93
N LEU B 206 6.03 -2.13 29.06
CA LEU B 206 5.78 -3.34 28.30
C LEU B 206 5.55 -4.55 29.21
N GLU B 207 6.42 -4.76 30.19
CA GLU B 207 6.25 -5.87 31.12
C GLU B 207 4.91 -5.82 31.85
N ALA B 208 4.46 -4.62 32.20
CA ALA B 208 3.13 -4.44 32.82
C ALA B 208 1.97 -4.90 31.93
N LEU B 209 2.06 -4.62 30.63
CA LEU B 209 1.02 -5.05 29.69
C LEU B 209 0.97 -6.59 29.59
N LEU B 210 2.15 -7.21 29.61
CA LEU B 210 2.24 -8.66 29.53
C LEU B 210 1.70 -9.32 30.81
N THR B 211 1.96 -8.69 31.95
CA THR B 211 1.38 -9.15 33.22
C THR B 211 -0.15 -9.15 33.11
N ASN B 212 -0.72 -8.05 32.61
CA ASN B 212 -2.15 -8.00 32.36
C ASN B 212 -2.59 -9.16 31.48
N VAL B 213 -1.86 -9.40 30.39
CA VAL B 213 -2.18 -10.49 29.49
C VAL B 213 -2.18 -11.83 30.23
N LYS B 214 -1.06 -12.15 30.88
CA LYS B 214 -0.91 -13.41 31.61
C LYS B 214 -1.99 -13.64 32.67
N ASN B 215 -2.34 -12.58 33.38
CA ASN B 215 -3.38 -12.66 34.40
C ASN B 215 -4.81 -12.73 33.86
N SER B 216 -4.96 -12.45 32.56
CA SER B 216 -6.27 -12.50 31.91
C SER B 216 -6.68 -13.95 31.60
N PRO B 217 -8.00 -14.21 31.51
CA PRO B 217 -8.52 -15.56 31.25
C PRO B 217 -8.05 -16.16 29.92
N THR B 218 -7.89 -17.49 29.90
CA THR B 218 -7.37 -18.18 28.72
C THR B 218 -8.49 -18.74 27.85
N THR B 219 -9.72 -18.59 28.32
CA THR B 219 -10.89 -19.12 27.62
C THR B 219 -11.33 -18.25 26.44
N VAL B 220 -10.82 -17.02 26.37
CA VAL B 220 -11.10 -16.11 25.23
C VAL B 220 -9.80 -15.46 24.75
N PRO B 221 -9.73 -15.09 23.45
CA PRO B 221 -8.50 -14.44 22.96
C PRO B 221 -8.30 -13.05 23.56
N VAL B 222 -7.06 -12.59 23.61
CA VAL B 222 -6.78 -11.21 24.00
C VAL B 222 -6.75 -10.31 22.77
N VAL B 223 -7.53 -9.24 22.77
CA VAL B 223 -7.50 -8.29 21.66
C VAL B 223 -6.36 -7.29 21.83
N VAL B 224 -5.51 -7.21 20.80
CA VAL B 224 -4.42 -6.24 20.78
C VAL B 224 -4.51 -5.41 19.51
N HIS B 225 -4.58 -4.09 19.65
CA HIS B 225 -4.48 -3.23 18.47
C HIS B 225 -3.53 -2.07 18.72
N CYS B 226 -2.91 -1.60 17.65
CA CYS B 226 -2.21 -0.32 17.64
C CYS B 226 -3.00 0.56 16.67
N SER B 227 -2.32 1.17 15.70
CA SER B 227 -3.06 1.87 14.65
C SER B 227 -3.44 0.93 13.50
N ALA B 228 -2.44 0.44 12.78
CA ALA B 228 -2.70 -0.48 11.67
C ALA B 228 -2.95 -1.91 12.14
N GLY B 229 -2.42 -2.25 13.32
CA GLY B 229 -2.64 -3.56 13.89
C GLY B 229 -1.63 -4.61 13.47
N ILE B 230 -0.45 -4.17 13.02
CA ILE B 230 0.59 -5.13 12.63
C ILE B 230 1.98 -4.85 13.24
N GLY B 231 2.30 -3.60 13.54
CA GLY B 231 3.65 -3.21 13.93
C GLY B 231 3.91 -3.34 15.43
N ARG B 232 3.38 -2.40 16.20
CA ARG B 232 3.47 -2.48 17.65
C ARG B 232 2.69 -3.68 18.19
N THR B 233 1.53 -3.95 17.59
CA THR B 233 0.71 -5.12 17.96
C THR B 233 1.54 -6.41 17.82
N GLY B 234 2.19 -6.56 16.67
CA GLY B 234 3.00 -7.73 16.40
C GLY B 234 4.14 -7.86 17.39
N THR B 235 4.75 -6.73 17.75
CA THR B 235 5.91 -6.74 18.64
C THR B 235 5.51 -7.18 20.04
N LEU B 236 4.39 -6.65 20.51
CA LEU B 236 3.87 -7.02 21.81
C LEU B 236 3.55 -8.52 21.89
N ILE B 237 2.85 -9.03 20.87
CA ILE B 237 2.51 -10.45 20.83
C ILE B 237 3.75 -11.33 20.69
N GLY B 238 4.67 -10.94 19.81
CA GLY B 238 5.95 -11.62 19.71
C GLY B 238 6.72 -11.66 21.03
N ALA B 239 6.78 -10.53 21.71
CA ALA B 239 7.46 -10.43 23.00
C ALA B 239 6.80 -11.33 24.03
N TYR B 240 5.47 -11.34 24.02
CA TYR B 240 4.72 -12.23 24.89
C TYR B 240 5.15 -13.67 24.70
N ALA B 241 5.15 -14.09 23.45
CA ALA B 241 5.43 -15.47 23.09
C ALA B 241 6.83 -15.89 23.54
N ALA B 242 7.80 -15.07 23.15
CA ALA B 242 9.21 -15.32 23.44
C ALA B 242 9.42 -15.41 24.94
N LEU B 243 8.83 -14.47 25.68
CA LEU B 243 8.92 -14.49 27.14
C LEU B 243 8.23 -15.70 27.74
N THR B 244 7.07 -16.06 27.19
CA THR B 244 6.33 -17.22 27.69
C THR B 244 7.17 -18.47 27.48
N HIS B 245 7.91 -18.49 26.37
CA HIS B 245 8.87 -19.57 26.15
C HIS B 245 10.04 -19.52 27.14
N LEU B 246 10.62 -18.32 27.34
CA LEU B 246 11.71 -18.13 28.31
C LEU B 246 11.29 -18.60 29.68
N GLU B 247 10.03 -18.37 30.01
CA GLU B 247 9.43 -18.89 31.23
C GLU B 247 9.42 -20.41 31.22
N ARG B 248 8.48 -20.98 30.46
CA ARG B 248 8.32 -22.43 30.40
C ARG B 248 9.60 -23.21 30.09
N GLY B 249 10.65 -22.50 29.68
CA GLY B 249 11.96 -23.10 29.46
C GLY B 249 12.14 -23.63 28.05
N THR B 250 11.24 -23.25 27.15
CA THR B 250 11.22 -23.77 25.79
C THR B 250 11.95 -22.83 24.82
N LEU B 251 12.45 -21.72 25.35
CA LEU B 251 13.26 -20.79 24.55
C LEU B 251 14.38 -21.50 23.78
N THR B 252 14.26 -21.55 22.45
CA THR B 252 15.33 -22.09 21.60
C THR B 252 16.09 -20.96 20.93
N ASP B 253 17.12 -21.31 20.17
CA ASP B 253 17.89 -20.32 19.43
C ASP B 253 17.01 -19.61 18.39
N THR B 254 16.04 -20.33 17.84
CA THR B 254 15.24 -19.82 16.73
C THR B 254 13.82 -19.44 17.14
N THR B 255 13.61 -19.22 18.44
CA THR B 255 12.28 -18.91 18.95
C THR B 255 11.71 -17.58 18.46
N VAL B 256 12.53 -16.53 18.48
CA VAL B 256 12.11 -15.21 18.01
C VAL B 256 11.71 -15.21 16.54
N TYR B 257 12.55 -15.80 15.68
CA TYR B 257 12.25 -15.94 14.27
C TYR B 257 10.96 -16.73 14.05
N ASP B 258 10.80 -17.82 14.78
CA ASP B 258 9.69 -18.75 14.57
C ASP B 258 8.34 -18.21 15.00
N VAL B 259 8.30 -17.40 16.05
CA VAL B 259 7.04 -16.81 16.46
C VAL B 259 6.61 -15.74 15.47
N VAL B 260 7.58 -14.97 14.97
CA VAL B 260 7.26 -13.89 14.03
C VAL B 260 6.87 -14.46 12.67
N SER B 261 7.53 -15.54 12.28
CA SER B 261 7.18 -16.26 11.07
C SER B 261 5.77 -16.81 11.19
N ALA B 262 5.46 -17.38 12.36
CA ALA B 262 4.12 -17.88 12.64
C ALA B 262 3.05 -16.76 12.63
N MET B 263 3.40 -15.60 13.18
CA MET B 263 2.47 -14.47 13.20
C MET B 263 2.17 -13.95 11.80
N ARG B 264 3.20 -13.87 10.95
CA ARG B 264 3.02 -13.31 9.62
C ARG B 264 2.17 -14.23 8.76
N ARG B 265 2.19 -15.51 9.09
CA ARG B 265 1.40 -16.49 8.36
C ARG B 265 -0.09 -16.19 8.56
N GLN B 266 -0.44 -15.73 9.76
CA GLN B 266 -1.82 -15.58 10.17
C GLN B 266 -2.35 -14.15 10.03
N ARG B 267 -1.45 -13.17 9.96
CA ARG B 267 -1.85 -11.80 9.60
C ARG B 267 -0.69 -11.14 8.88
N PHE B 268 -0.90 -10.85 7.60
CA PHE B 268 0.14 -10.34 6.71
C PHE B 268 0.83 -9.11 7.30
N GLY B 269 2.16 -9.15 7.36
CA GLY B 269 2.96 -7.98 7.73
C GLY B 269 3.31 -7.79 9.20
N MET B 270 2.86 -8.69 10.07
CA MET B 270 3.16 -8.61 11.52
C MET B 270 4.64 -8.31 11.83
N VAL B 271 4.87 -7.31 12.69
CA VAL B 271 6.21 -6.77 13.00
C VAL B 271 6.78 -6.03 11.79
N GLN B 272 6.44 -4.75 11.65
CA GLN B 272 6.69 -3.99 10.43
C GLN B 272 8.14 -3.56 10.21
N ARG B 273 8.74 -2.97 11.24
CA ARG B 273 10.09 -2.42 11.11
C ARG B 273 11.09 -3.32 11.82
N MET B 274 12.34 -3.34 11.33
CA MET B 274 13.37 -4.20 11.91
C MET B 274 13.62 -3.88 13.39
N GLU B 275 13.55 -2.60 13.73
CA GLU B 275 13.74 -2.16 15.12
C GLU B 275 12.72 -2.82 16.06
N GLN B 276 11.51 -3.05 15.55
CA GLN B 276 10.46 -3.69 16.34
C GLN B 276 10.76 -5.17 16.47
N TYR B 277 11.43 -5.73 15.47
CA TYR B 277 11.86 -7.11 15.57
C TYR B 277 12.94 -7.23 16.66
N PHE B 278 13.78 -6.20 16.78
CA PHE B 278 14.83 -6.17 17.79
C PHE B 278 14.29 -6.18 19.21
N VAL B 279 13.22 -5.42 19.44
CA VAL B 279 12.59 -5.32 20.76
C VAL B 279 12.34 -6.70 21.34
N ILE B 280 11.92 -7.64 20.49
CA ILE B 280 11.65 -8.97 20.99
C ILE B 280 12.94 -9.64 21.46
N TYR B 281 14.01 -9.53 20.69
CA TYR B 281 15.34 -9.97 21.13
C TYR B 281 15.79 -9.21 22.36
N LEU B 282 15.72 -7.88 22.30
CA LEU B 282 16.10 -7.02 23.41
C LEU B 282 15.39 -7.38 24.71
N THR B 283 14.07 -7.20 24.76
CA THR B 283 13.29 -7.55 25.95
C THR B 283 13.20 -9.06 26.09
N LEU B 284 14.36 -9.70 26.18
CA LEU B 284 14.48 -11.13 26.32
C LEU B 284 15.91 -11.34 26.76
N MET B 285 16.79 -10.50 26.20
CA MET B 285 18.16 -10.37 26.67
C MET B 285 18.15 -9.51 27.93
N CYS B 286 17.35 -8.45 27.90
CA CYS B 286 17.25 -7.54 29.05
C CYS B 286 16.47 -8.18 30.19
N ARG B 287 15.77 -9.27 29.87
CA ARG B 287 15.15 -10.10 30.90
C ARG B 287 16.17 -11.13 31.37
N LEU B 288 17.07 -11.52 30.48
CA LEU B 288 18.18 -12.40 30.84
C LEU B 288 19.35 -11.61 31.44
N GLY B 289 19.07 -10.36 31.82
CA GLY B 289 20.03 -9.52 32.52
C GLY B 289 21.27 -9.15 31.72
N VAL B 290 21.22 -9.40 30.41
CA VAL B 290 22.35 -9.12 29.53
C VAL B 290 22.25 -7.71 28.97
N ASP B 291 23.33 -6.95 29.07
CA ASP B 291 23.34 -5.53 28.72
C ASP B 291 22.95 -5.24 27.26
N ILE B 292 22.25 -4.14 27.05
CA ILE B 292 21.84 -3.75 25.70
C ILE B 292 22.98 -3.05 24.97
N LYS B 293 22.74 -2.65 23.73
CA LYS B 293 23.79 -2.04 22.91
C LYS B 293 23.86 -0.49 22.98
N ALA B 294 22.81 0.25 22.61
CA ALA B 294 21.59 -0.24 21.97
C ALA B 294 21.74 -0.05 20.47
N LEU B 295 22.07 1.17 20.06
CA LEU B 295 22.31 1.47 18.65
C LEU B 295 23.45 2.47 18.47
C1 EDO C . -7.24 8.02 -32.30
O1 EDO C . -8.63 7.77 -32.53
C2 EDO C . -7.08 9.50 -31.99
O2 EDO C . -5.72 9.78 -31.67
C FMT D . -2.52 -2.50 -19.80
O1 FMT D . -3.15 -1.52 -19.42
O2 FMT D . -1.43 -2.83 -19.33
C FMT E . 0.16 -8.91 -26.21
O1 FMT E . 0.99 -8.61 -25.34
O2 FMT E . -0.17 -8.19 -27.17
C FMT F . -8.29 -7.13 -20.38
O1 FMT F . -8.89 -6.16 -20.86
O2 FMT F . -7.62 -7.94 -21.03
C FMT G . -12.32 4.52 -12.96
O1 FMT G . -11.12 4.25 -12.98
O2 FMT G . -13.14 4.01 -13.74
C FMT H . 4.34 0.59 -9.33
O1 FMT H . 5.11 -0.38 -9.23
O2 FMT H . 4.41 1.48 -10.18
#